data_1O6W
#
_entry.id   1O6W
#
_cell.length_a   1.000
_cell.length_b   1.000
_cell.length_c   1.000
_cell.angle_alpha   90.00
_cell.angle_beta   90.00
_cell.angle_gamma   90.00
#
_symmetry.space_group_name_H-M   'P 1'
#
_entity_poly.entity_id   1
_entity_poly.type   'polypeptide(L)'
_entity_poly.pdbx_seq_one_letter_code
;MSIWKEAKDASGRIYYYNTLTKKSTWEKPKELISQEELLLRENGWKAAKTADGKVYYYNPTTRETSWTIPAFEKK
;
_entity_poly.pdbx_strand_id   A
#
# COMPACT_ATOMS: atom_id res chain seq x y z
N MET A 1 -10.55 -7.68 -2.56
CA MET A 1 -11.22 -6.79 -3.50
C MET A 1 -11.08 -5.33 -3.08
N SER A 2 -11.96 -4.89 -2.19
CA SER A 2 -11.93 -3.51 -1.70
C SER A 2 -12.65 -3.38 -0.36
N ILE A 3 -12.08 -4.02 0.66
CA ILE A 3 -12.68 -4.00 1.99
C ILE A 3 -12.22 -2.80 2.82
N TRP A 4 -11.07 -2.24 2.48
CA TRP A 4 -10.56 -1.10 3.24
C TRP A 4 -10.45 0.15 2.37
N LYS A 5 -10.46 1.31 3.03
CA LYS A 5 -10.36 2.59 2.34
C LYS A 5 -9.56 3.59 3.17
N GLU A 6 -9.07 4.63 2.53
CA GLU A 6 -8.30 5.66 3.22
C GLU A 6 -9.13 6.93 3.34
N ALA A 7 -9.35 7.37 4.59
CA ALA A 7 -10.13 8.56 4.84
C ALA A 7 -9.37 9.54 5.73
N LYS A 8 -9.90 10.76 5.85
CA LYS A 8 -9.26 11.78 6.67
C LYS A 8 -10.17 12.14 7.84
N ASP A 9 -9.61 12.19 9.04
CA ASP A 9 -10.39 12.52 10.23
C ASP A 9 -10.81 13.98 10.26
N ALA A 10 -11.41 14.39 11.37
CA ALA A 10 -11.87 15.77 11.54
C ALA A 10 -10.69 16.74 11.54
N SER A 11 -9.51 16.24 11.87
CA SER A 11 -8.31 17.05 11.90
C SER A 11 -7.35 16.61 10.81
N GLY A 12 -7.91 15.88 9.84
CA GLY A 12 -7.12 15.41 8.72
C GLY A 12 -6.22 14.24 9.06
N ARG A 13 -6.64 13.40 10.00
CA ARG A 13 -5.86 12.23 10.39
C ARG A 13 -6.16 11.05 9.47
N ILE A 14 -5.12 10.45 8.91
CA ILE A 14 -5.29 9.33 7.98
C ILE A 14 -5.57 8.02 8.70
N TYR A 15 -6.73 7.45 8.41
CA TYR A 15 -7.17 6.18 9.01
C TYR A 15 -7.84 5.29 7.98
N TYR A 16 -7.62 3.98 8.10
CA TYR A 16 -8.22 3.02 7.20
C TYR A 16 -9.57 2.54 7.71
N TYR A 17 -10.60 2.72 6.90
CA TYR A 17 -11.95 2.34 7.30
C TYR A 17 -12.51 1.23 6.41
N ASN A 18 -12.98 0.17 7.07
CA ASN A 18 -13.58 -0.97 6.38
C ASN A 18 -15.04 -0.66 6.09
N THR A 19 -15.43 -0.70 4.82
CA THR A 19 -16.81 -0.41 4.44
C THR A 19 -17.65 -1.68 4.35
N LEU A 20 -16.99 -2.82 4.17
CA LEU A 20 -17.70 -4.09 4.07
C LEU A 20 -18.48 -4.33 5.35
N THR A 21 -17.81 -4.10 6.48
CA THR A 21 -18.42 -4.27 7.80
C THR A 21 -18.65 -2.93 8.47
N LYS A 22 -18.31 -1.85 7.75
CA LYS A 22 -18.47 -0.49 8.25
C LYS A 22 -17.65 -0.25 9.53
N LYS A 23 -16.53 -0.96 9.66
CA LYS A 23 -15.67 -0.81 10.83
C LYS A 23 -14.56 0.21 10.56
N SER A 24 -13.92 0.68 11.62
CA SER A 24 -12.86 1.68 11.49
C SER A 24 -11.54 1.21 12.11
N THR A 25 -10.43 1.69 11.53
CA THR A 25 -9.09 1.34 12.02
C THR A 25 -8.07 2.38 11.58
N TRP A 26 -6.86 2.30 12.14
CA TRP A 26 -5.80 3.26 11.80
C TRP A 26 -4.54 2.52 11.33
N GLU A 27 -4.45 1.25 11.69
CA GLU A 27 -3.29 0.44 11.30
C GLU A 27 -3.64 -0.50 10.16
N LYS A 28 -2.80 -0.50 9.12
CA LYS A 28 -3.01 -1.35 7.95
C LYS A 28 -3.04 -2.83 8.34
N PRO A 29 -4.20 -3.49 8.19
CA PRO A 29 -4.34 -4.91 8.51
C PRO A 29 -3.48 -5.76 7.60
N LYS A 30 -2.90 -6.84 8.13
CA LYS A 30 -2.00 -7.69 7.35
C LYS A 30 -2.54 -8.04 5.97
N GLU A 31 -3.85 -8.27 5.83
CA GLU A 31 -4.43 -8.61 4.53
C GLU A 31 -4.28 -7.45 3.56
N LEU A 32 -4.16 -6.25 4.12
CA LEU A 32 -3.99 -5.04 3.32
C LEU A 32 -2.51 -4.83 3.02
N ILE A 33 -1.68 -5.48 3.82
CA ILE A 33 -0.23 -5.41 3.67
C ILE A 33 0.30 -6.57 2.84
N SER A 34 -0.46 -7.66 2.81
CA SER A 34 -0.07 -8.86 2.11
C SER A 34 -0.46 -8.85 0.63
N GLN A 35 -1.36 -7.96 0.24
CA GLN A 35 -1.79 -7.90 -1.15
C GLN A 35 -0.75 -7.17 -2.00
N GLU A 36 -0.45 -5.93 -1.62
CA GLU A 36 0.52 -5.11 -2.35
C GLU A 36 1.83 -5.86 -2.53
N GLU A 37 2.19 -6.65 -1.53
CA GLU A 37 3.41 -7.44 -1.56
C GLU A 37 3.32 -8.53 -2.63
N LEU A 38 2.10 -9.00 -2.86
CA LEU A 38 1.83 -10.07 -3.81
C LEU A 38 1.79 -9.55 -5.23
N LEU A 39 1.56 -8.25 -5.39
CA LEU A 39 1.55 -7.66 -6.71
C LEU A 39 2.95 -7.27 -7.09
N LEU A 40 3.68 -6.85 -6.07
CA LEU A 40 5.05 -6.48 -6.22
C LEU A 40 5.80 -7.64 -6.86
N ARG A 41 5.73 -8.78 -6.19
CA ARG A 41 6.39 -10.02 -6.62
C ARG A 41 6.18 -10.32 -8.11
N GLU A 42 4.92 -10.44 -8.49
CA GLU A 42 4.53 -10.77 -9.86
C GLU A 42 5.33 -9.99 -10.90
N ASN A 43 5.53 -8.71 -10.67
CA ASN A 43 6.27 -7.88 -11.62
C ASN A 43 7.76 -7.78 -11.26
N GLY A 44 8.09 -8.06 -10.00
CA GLY A 44 9.48 -8.00 -9.58
C GLY A 44 9.83 -6.72 -8.85
N TRP A 45 8.89 -6.18 -8.07
CA TRP A 45 9.12 -4.97 -7.31
C TRP A 45 9.38 -5.29 -5.84
N LYS A 46 10.05 -4.36 -5.15
CA LYS A 46 10.36 -4.54 -3.74
C LYS A 46 9.96 -3.29 -2.95
N ALA A 47 9.67 -3.47 -1.66
CA ALA A 47 9.28 -2.35 -0.82
C ALA A 47 10.31 -2.09 0.27
N ALA A 48 10.59 -0.81 0.52
CA ALA A 48 11.55 -0.41 1.53
C ALA A 48 11.24 0.99 2.03
N LYS A 49 11.99 1.46 3.02
CA LYS A 49 11.79 2.80 3.55
C LYS A 49 13.12 3.51 3.74
N THR A 50 13.06 4.83 3.78
CA THR A 50 14.26 5.66 3.94
C THR A 50 14.45 6.04 5.40
N ALA A 51 15.53 6.77 5.68
CA ALA A 51 15.81 7.21 7.04
C ALA A 51 14.71 8.15 7.50
N ASP A 52 14.10 8.84 6.55
CA ASP A 52 13.02 9.79 6.83
C ASP A 52 11.66 9.10 6.74
N GLY A 53 11.67 7.78 6.89
CA GLY A 53 10.43 7.02 6.83
C GLY A 53 9.78 7.06 5.45
N LYS A 54 10.53 7.52 4.45
CA LYS A 54 10.01 7.58 3.09
C LYS A 54 9.90 6.18 2.52
N VAL A 55 8.67 5.79 2.15
CA VAL A 55 8.45 4.47 1.59
C VAL A 55 8.73 4.49 0.10
N TYR A 56 9.71 3.70 -0.34
CA TYR A 56 10.07 3.66 -1.75
C TYR A 56 10.18 2.24 -2.27
N TYR A 57 9.62 2.01 -3.45
CA TYR A 57 9.66 0.70 -4.10
C TYR A 57 10.64 0.73 -5.26
N TYR A 58 11.42 -0.33 -5.41
CA TYR A 58 12.40 -0.39 -6.51
C TYR A 58 12.51 -1.79 -7.10
N ASN A 59 12.79 -1.85 -8.40
CA ASN A 59 12.93 -3.11 -9.10
C ASN A 59 14.40 -3.48 -9.25
N PRO A 60 14.87 -4.54 -8.56
CA PRO A 60 16.26 -4.98 -8.61
C PRO A 60 16.66 -5.61 -9.95
N THR A 61 15.70 -5.73 -10.86
CA THR A 61 15.97 -6.32 -12.17
C THR A 61 16.24 -5.24 -13.22
N THR A 62 15.57 -4.10 -13.09
CA THR A 62 15.75 -3.00 -14.02
C THR A 62 16.34 -1.78 -13.32
N ARG A 63 16.60 -1.92 -12.02
CA ARG A 63 17.15 -0.83 -11.23
C ARG A 63 16.24 0.39 -11.34
N GLU A 64 14.95 0.14 -11.18
CA GLU A 64 13.94 1.19 -11.27
C GLU A 64 13.55 1.70 -9.88
N THR A 65 13.17 2.97 -9.80
CA THR A 65 12.79 3.57 -8.53
C THR A 65 11.45 4.30 -8.63
N SER A 66 10.50 3.89 -7.80
CA SER A 66 9.17 4.48 -7.77
C SER A 66 8.78 4.85 -6.34
N TRP A 67 8.11 5.98 -6.18
CA TRP A 67 7.70 6.43 -4.85
C TRP A 67 6.32 5.88 -4.47
N THR A 68 5.76 5.01 -5.32
CA THR A 68 4.46 4.42 -5.04
C THR A 68 4.21 3.16 -5.87
N ILE A 69 3.47 2.22 -5.29
CA ILE A 69 3.14 0.97 -5.96
C ILE A 69 2.55 1.21 -7.35
N PRO A 70 3.29 0.83 -8.41
CA PRO A 70 2.83 0.99 -9.79
C PRO A 70 1.44 0.38 -9.99
N ALA A 71 0.59 1.06 -10.78
CA ALA A 71 -0.76 0.57 -11.03
C ALA A 71 -0.75 -0.74 -11.79
N PHE A 72 -1.39 -1.76 -11.22
CA PHE A 72 -1.46 -3.08 -11.84
C PHE A 72 -2.90 -3.42 -12.20
N GLU A 73 -3.26 -3.23 -13.46
CA GLU A 73 -4.60 -3.51 -13.94
C GLU A 73 -4.94 -4.99 -13.76
N LYS A 74 -6.23 -5.31 -13.90
CA LYS A 74 -6.70 -6.67 -13.76
C LYS A 74 -5.99 -7.61 -14.73
N LYS A 75 -5.06 -8.41 -14.22
CA LYS A 75 -4.32 -9.35 -15.04
C LYS A 75 -5.23 -10.41 -15.62
N MET A 1 -8.75 0.66 -3.60
CA MET A 1 -8.76 -0.56 -2.80
C MET A 1 -10.13 -1.23 -2.85
N SER A 2 -10.37 -2.15 -1.92
CA SER A 2 -11.62 -2.87 -1.85
C SER A 2 -12.27 -2.74 -0.48
N ILE A 3 -12.16 -3.79 0.30
CA ILE A 3 -12.72 -3.83 1.64
C ILE A 3 -12.34 -2.59 2.46
N TRP A 4 -11.14 -2.09 2.26
CA TRP A 4 -10.67 -0.92 2.99
C TRP A 4 -10.66 0.33 2.11
N LYS A 5 -10.72 1.49 2.75
CA LYS A 5 -10.73 2.76 2.03
C LYS A 5 -9.88 3.80 2.76
N GLU A 6 -9.43 4.82 2.02
CA GLU A 6 -8.61 5.88 2.61
C GLU A 6 -9.47 7.09 2.94
N ALA A 7 -9.64 7.34 4.23
CA ALA A 7 -10.44 8.48 4.70
C ALA A 7 -9.59 9.42 5.56
N LYS A 8 -10.06 10.64 5.73
CA LYS A 8 -9.33 11.62 6.53
C LYS A 8 -10.14 12.02 7.76
N ASP A 9 -9.50 12.02 8.92
CA ASP A 9 -10.17 12.39 10.16
C ASP A 9 -10.62 13.84 10.14
N ALA A 10 -11.32 14.26 11.19
CA ALA A 10 -11.82 15.63 11.28
C ALA A 10 -10.66 16.62 11.23
N SER A 11 -9.47 16.15 11.60
CA SER A 11 -8.27 16.98 11.59
C SER A 11 -7.53 16.84 10.27
N GLY A 12 -7.77 15.73 9.58
CA GLY A 12 -7.11 15.47 8.32
C GLY A 12 -6.07 14.38 8.41
N ARG A 13 -6.19 13.53 9.42
CA ARG A 13 -5.26 12.42 9.61
C ARG A 13 -5.66 11.22 8.74
N ILE A 14 -4.68 10.56 8.15
CA ILE A 14 -4.95 9.42 7.27
C ILE A 14 -5.21 8.15 8.06
N TYR A 15 -6.40 7.59 7.86
CA TYR A 15 -6.81 6.35 8.52
C TYR A 15 -7.58 5.44 7.56
N TYR A 16 -7.40 4.13 7.73
CA TYR A 16 -8.08 3.15 6.88
C TYR A 16 -9.42 2.78 7.49
N TYR A 17 -10.48 2.91 6.68
CA TYR A 17 -11.82 2.60 7.14
C TYR A 17 -12.43 1.44 6.39
N ASN A 18 -12.83 0.41 7.13
CA ASN A 18 -13.46 -0.76 6.55
C ASN A 18 -14.95 -0.51 6.41
N THR A 19 -15.44 -0.48 5.16
CA THR A 19 -16.85 -0.23 4.90
C THR A 19 -17.64 -1.53 4.77
N LEU A 20 -16.92 -2.62 4.60
CA LEU A 20 -17.54 -3.93 4.49
C LEU A 20 -17.95 -4.41 5.87
N THR A 21 -17.23 -3.90 6.84
CA THR A 21 -17.44 -4.19 8.24
C THR A 21 -17.88 -2.94 8.99
N LYS A 22 -17.84 -1.81 8.28
CA LYS A 22 -18.25 -0.51 8.82
C LYS A 22 -17.41 -0.07 10.01
N LYS A 23 -16.21 -0.65 10.16
CA LYS A 23 -15.33 -0.28 11.28
C LYS A 23 -14.17 0.57 10.80
N SER A 24 -13.42 1.15 11.74
CA SER A 24 -12.29 2.01 11.38
C SER A 24 -10.98 1.53 12.00
N THR A 25 -9.87 1.97 11.40
CA THR A 25 -8.54 1.62 11.88
C THR A 25 -7.50 2.64 11.39
N TRP A 26 -6.28 2.56 11.93
CA TRP A 26 -5.22 3.47 11.55
C TRP A 26 -3.99 2.70 11.07
N GLU A 27 -3.92 1.43 11.44
CA GLU A 27 -2.79 0.58 11.05
C GLU A 27 -3.19 -0.38 9.92
N LYS A 28 -2.37 -0.41 8.89
CA LYS A 28 -2.62 -1.27 7.73
C LYS A 28 -2.72 -2.74 8.15
N PRO A 29 -3.91 -3.34 8.03
CA PRO A 29 -4.12 -4.76 8.37
C PRO A 29 -3.29 -5.65 7.47
N LYS A 30 -2.72 -6.72 8.03
CA LYS A 30 -1.85 -7.60 7.25
C LYS A 30 -2.43 -7.99 5.89
N GLU A 31 -3.73 -8.20 5.78
CA GLU A 31 -4.35 -8.57 4.51
C GLU A 31 -4.18 -7.44 3.49
N LEU A 32 -4.01 -6.24 4.00
CA LEU A 32 -3.81 -5.05 3.17
C LEU A 32 -2.34 -4.90 2.82
N ILE A 33 -1.50 -5.55 3.63
CA ILE A 33 -0.05 -5.51 3.44
C ILE A 33 0.44 -6.73 2.64
N SER A 34 -0.35 -7.79 2.67
CA SER A 34 0.00 -9.03 1.98
C SER A 34 -0.40 -9.04 0.52
N GLN A 35 -1.30 -8.15 0.13
CA GLN A 35 -1.74 -8.10 -1.26
C GLN A 35 -0.71 -7.38 -2.12
N GLU A 36 -0.40 -6.14 -1.75
CA GLU A 36 0.56 -5.33 -2.50
C GLU A 36 1.87 -6.10 -2.68
N GLU A 37 2.24 -6.85 -1.67
CA GLU A 37 3.46 -7.65 -1.70
C GLU A 37 3.36 -8.75 -2.77
N LEU A 38 2.14 -9.22 -2.97
CA LEU A 38 1.87 -10.30 -3.92
C LEU A 38 1.78 -9.78 -5.34
N LEU A 39 1.55 -8.48 -5.48
CA LEU A 39 1.49 -7.89 -6.81
C LEU A 39 2.89 -7.50 -7.22
N LEU A 40 3.63 -7.06 -6.22
CA LEU A 40 5.01 -6.68 -6.40
C LEU A 40 5.75 -7.84 -7.05
N ARG A 41 5.69 -8.98 -6.37
CA ARG A 41 6.34 -10.21 -6.81
C ARG A 41 6.08 -10.53 -8.28
N GLU A 42 4.80 -10.64 -8.62
CA GLU A 42 4.36 -10.98 -9.98
C GLU A 42 5.09 -10.17 -11.05
N ASN A 43 5.68 -9.04 -10.66
CA ASN A 43 6.39 -8.20 -11.62
C ASN A 43 7.87 -8.07 -11.27
N GLY A 44 8.22 -8.35 -10.02
CA GLY A 44 9.61 -8.26 -9.61
C GLY A 44 9.96 -6.95 -8.91
N TRP A 45 9.04 -6.43 -8.12
CA TRP A 45 9.28 -5.19 -7.38
C TRP A 45 9.45 -5.47 -5.89
N LYS A 46 10.03 -4.52 -5.17
CA LYS A 46 10.26 -4.67 -3.74
C LYS A 46 9.85 -3.40 -2.99
N ALA A 47 9.56 -3.54 -1.70
CA ALA A 47 9.17 -2.41 -0.88
C ALA A 47 10.16 -2.18 0.25
N ALA A 48 10.52 -0.92 0.47
CA ALA A 48 11.46 -0.55 1.51
C ALA A 48 11.09 0.80 2.11
N LYS A 49 11.78 1.19 3.17
CA LYS A 49 11.52 2.47 3.82
C LYS A 49 12.82 3.21 4.11
N THR A 50 12.72 4.53 4.23
CA THR A 50 13.87 5.38 4.50
C THR A 50 14.01 5.61 6.00
N ALA A 51 15.03 6.39 6.38
CA ALA A 51 15.27 6.70 7.77
C ALA A 51 14.13 7.56 8.31
N ASP A 52 13.51 8.30 7.41
CA ASP A 52 12.39 9.18 7.78
C ASP A 52 11.06 8.48 7.57
N GLY A 53 11.08 7.14 7.60
CA GLY A 53 9.87 6.37 7.42
C GLY A 53 9.29 6.48 6.03
N LYS A 54 10.00 7.17 5.13
CA LYS A 54 9.53 7.31 3.76
C LYS A 54 9.46 5.95 3.08
N VAL A 55 8.29 5.60 2.59
CA VAL A 55 8.10 4.31 1.93
C VAL A 55 8.42 4.44 0.45
N TYR A 56 9.45 3.73 0.00
CA TYR A 56 9.84 3.76 -1.40
C TYR A 56 9.97 2.35 -1.98
N TYR A 57 9.45 2.18 -3.18
CA TYR A 57 9.51 0.89 -3.87
C TYR A 57 10.47 0.98 -5.04
N TYR A 58 11.28 -0.07 -5.23
CA TYR A 58 12.23 -0.08 -6.33
C TYR A 58 12.40 -1.49 -6.91
N ASN A 59 12.72 -1.54 -8.20
CA ASN A 59 12.91 -2.81 -8.89
C ASN A 59 14.39 -3.00 -9.22
N PRO A 60 15.07 -3.94 -8.52
CA PRO A 60 16.49 -4.22 -8.73
C PRO A 60 16.78 -4.92 -10.05
N THR A 61 15.77 -5.09 -10.89
CA THR A 61 15.95 -5.73 -12.18
C THR A 61 16.17 -4.70 -13.27
N THR A 62 15.47 -3.58 -13.16
CA THR A 62 15.60 -2.48 -14.12
C THR A 62 16.16 -1.25 -13.44
N ARG A 63 16.41 -1.35 -12.13
CA ARG A 63 16.94 -0.25 -11.35
C ARG A 63 15.97 0.93 -11.40
N GLU A 64 14.69 0.63 -11.25
CA GLU A 64 13.64 1.66 -11.27
C GLU A 64 13.25 2.07 -9.87
N THR A 65 12.87 3.34 -9.71
CA THR A 65 12.47 3.86 -8.41
C THR A 65 11.10 4.53 -8.46
N SER A 66 10.17 3.99 -7.68
CA SER A 66 8.82 4.53 -7.60
C SER A 66 8.43 4.78 -6.14
N TRP A 67 7.76 5.90 -5.90
CA TRP A 67 7.34 6.26 -4.55
C TRP A 67 5.98 5.66 -4.20
N THR A 68 5.43 4.85 -5.10
CA THR A 68 4.13 4.22 -4.86
C THR A 68 3.94 2.98 -5.72
N ILE A 69 3.28 1.97 -5.15
CA ILE A 69 3.01 0.72 -5.86
C ILE A 69 2.41 0.99 -7.23
N PRO A 70 3.11 0.56 -8.30
CA PRO A 70 2.64 0.75 -9.68
C PRO A 70 1.34 0.01 -9.96
N ALA A 71 0.55 0.53 -10.90
CA ALA A 71 -0.72 -0.07 -11.25
C ALA A 71 -0.54 -1.41 -11.95
N PHE A 72 -1.01 -2.48 -11.31
CA PHE A 72 -0.91 -3.82 -11.87
C PHE A 72 -2.29 -4.42 -12.11
N GLU A 73 -2.77 -4.32 -13.34
CA GLU A 73 -4.08 -4.86 -13.70
C GLU A 73 -3.96 -5.90 -14.80
N LYS A 74 -5.08 -6.56 -15.11
CA LYS A 74 -5.10 -7.59 -16.14
C LYS A 74 -4.53 -7.05 -17.45
N LYS A 75 -3.53 -7.76 -17.98
CA LYS A 75 -2.89 -7.37 -19.23
C LYS A 75 -2.37 -5.94 -19.16
N MET A 1 -13.71 -5.82 -4.51
CA MET A 1 -12.33 -5.78 -4.04
C MET A 1 -11.98 -4.43 -3.43
N SER A 2 -12.99 -3.80 -2.83
CA SER A 2 -12.80 -2.50 -2.21
C SER A 2 -13.41 -2.48 -0.80
N ILE A 3 -12.88 -3.31 0.08
CA ILE A 3 -13.39 -3.40 1.44
C ILE A 3 -12.86 -2.30 2.34
N TRP A 4 -11.66 -1.81 2.09
CA TRP A 4 -11.08 -0.76 2.91
C TRP A 4 -10.94 0.53 2.12
N LYS A 5 -10.92 1.66 2.83
CA LYS A 5 -10.80 2.96 2.19
C LYS A 5 -9.92 3.89 3.02
N GLU A 6 -9.40 4.93 2.39
CA GLU A 6 -8.56 5.91 3.06
C GLU A 6 -9.36 7.16 3.41
N ALA A 7 -9.52 7.42 4.70
CA ALA A 7 -10.26 8.58 5.17
C ALA A 7 -9.45 9.38 6.17
N LYS A 8 -9.92 10.59 6.48
CA LYS A 8 -9.22 11.45 7.43
C LYS A 8 -10.11 11.73 8.64
N ASP A 9 -9.54 11.61 9.83
CA ASP A 9 -10.30 11.85 11.06
C ASP A 9 -10.69 13.32 11.18
N ALA A 10 -11.40 13.65 12.26
CA ALA A 10 -11.84 15.02 12.50
C ALA A 10 -10.64 15.96 12.58
N SER A 11 -9.50 15.41 12.97
CA SER A 11 -8.28 16.20 13.09
C SER A 11 -7.47 16.16 11.80
N GLY A 12 -7.71 15.13 10.99
CA GLY A 12 -6.99 14.98 9.74
C GLY A 12 -5.99 13.84 9.77
N ARG A 13 -6.22 12.88 10.66
CA ARG A 13 -5.36 11.72 10.78
C ARG A 13 -5.81 10.62 9.83
N ILE A 14 -4.85 9.93 9.20
CA ILE A 14 -5.19 8.88 8.25
C ILE A 14 -5.55 7.57 8.93
N TYR A 15 -6.75 7.08 8.61
CA TYR A 15 -7.26 5.83 9.17
C TYR A 15 -7.98 5.01 8.09
N TYR A 16 -7.93 3.69 8.23
CA TYR A 16 -8.57 2.80 7.28
C TYR A 16 -9.95 2.38 7.76
N TYR A 17 -10.95 2.65 6.94
CA TYR A 17 -12.33 2.33 7.30
C TYR A 17 -12.93 1.30 6.34
N ASN A 18 -13.47 0.23 6.92
CA ASN A 18 -14.12 -0.83 6.16
C ASN A 18 -15.58 -0.47 5.93
N THR A 19 -15.97 -0.31 4.66
CA THR A 19 -17.34 0.05 4.34
C THR A 19 -18.21 -1.19 4.12
N LEU A 20 -17.58 -2.32 3.84
CA LEU A 20 -18.31 -3.56 3.62
C LEU A 20 -19.08 -3.92 4.88
N THR A 21 -18.39 -3.87 6.02
CA THR A 21 -18.98 -4.18 7.30
C THR A 21 -19.24 -2.90 8.10
N LYS A 22 -18.90 -1.77 7.49
CA LYS A 22 -19.09 -0.46 8.10
C LYS A 22 -18.26 -0.31 9.38
N LYS A 23 -17.16 -1.05 9.46
CA LYS A 23 -16.29 -1.00 10.63
C LYS A 23 -15.13 -0.02 10.41
N SER A 24 -14.50 0.42 11.50
CA SER A 24 -13.40 1.36 11.40
C SER A 24 -12.11 0.83 12.06
N THR A 25 -10.97 1.29 11.53
CA THR A 25 -9.67 0.87 12.05
C THR A 25 -8.59 1.90 11.70
N TRP A 26 -7.43 1.78 12.34
CA TRP A 26 -6.32 2.71 12.08
C TRP A 26 -5.07 1.94 11.65
N GLU A 27 -5.02 0.66 11.96
CA GLU A 27 -3.88 -0.18 11.62
C GLU A 27 -4.17 -1.03 10.39
N LYS A 28 -3.26 -0.98 9.41
CA LYS A 28 -3.43 -1.73 8.18
C LYS A 28 -3.57 -3.23 8.45
N PRO A 29 -4.75 -3.81 8.17
CA PRO A 29 -4.99 -5.24 8.36
C PRO A 29 -4.11 -6.06 7.44
N LYS A 30 -3.58 -7.18 7.92
CA LYS A 30 -2.67 -8.00 7.13
C LYS A 30 -3.16 -8.25 5.69
N GLU A 31 -4.46 -8.46 5.50
CA GLU A 31 -4.99 -8.69 4.14
C GLU A 31 -4.75 -7.48 3.25
N LEU A 32 -4.57 -6.33 3.89
CA LEU A 32 -4.32 -5.09 3.19
C LEU A 32 -2.82 -4.93 2.94
N ILE A 33 -2.03 -5.62 3.75
CA ILE A 33 -0.58 -5.60 3.65
C ILE A 33 -0.05 -6.75 2.80
N SER A 34 -0.83 -7.81 2.70
CA SER A 34 -0.45 -9.01 1.96
C SER A 34 -0.77 -8.93 0.48
N GLN A 35 -1.62 -8.00 0.09
CA GLN A 35 -2.00 -7.88 -1.31
C GLN A 35 -0.92 -7.12 -2.09
N GLU A 36 -0.64 -5.90 -1.64
CA GLU A 36 0.36 -5.05 -2.29
C GLU A 36 1.68 -5.79 -2.42
N GLU A 37 2.00 -6.57 -1.40
CA GLU A 37 3.23 -7.36 -1.37
C GLU A 37 3.22 -8.42 -2.47
N LEU A 38 2.03 -8.93 -2.74
CA LEU A 38 1.83 -9.98 -3.72
C LEU A 38 1.83 -9.42 -5.13
N LEU A 39 1.61 -8.12 -5.27
CA LEU A 39 1.64 -7.51 -6.58
C LEU A 39 3.05 -7.11 -6.88
N LEU A 40 3.74 -6.71 -5.84
CA LEU A 40 5.12 -6.33 -5.92
C LEU A 40 5.89 -7.47 -6.58
N ARG A 41 5.78 -8.64 -5.96
CA ARG A 41 6.44 -9.86 -6.44
C ARG A 41 6.23 -10.09 -7.93
N GLU A 42 4.96 -10.08 -8.31
CA GLU A 42 4.53 -10.31 -9.68
C GLU A 42 5.36 -9.53 -10.70
N ASN A 43 5.97 -8.43 -10.26
CA ASN A 43 6.78 -7.62 -11.17
C ASN A 43 8.22 -7.49 -10.67
N GLY A 44 8.46 -7.86 -9.41
CA GLY A 44 9.80 -7.78 -8.85
C GLY A 44 10.08 -6.47 -8.14
N TRP A 45 9.08 -5.92 -7.47
CA TRP A 45 9.25 -4.67 -6.74
C TRP A 45 9.49 -4.92 -5.25
N LYS A 46 10.25 -4.03 -4.62
CA LYS A 46 10.53 -4.13 -3.19
C LYS A 46 10.22 -2.81 -2.50
N ALA A 47 9.88 -2.88 -1.22
CA ALA A 47 9.55 -1.68 -0.47
C ALA A 47 10.60 -1.37 0.59
N ALA A 48 11.10 -0.13 0.56
CA ALA A 48 12.10 0.32 1.51
C ALA A 48 11.88 1.79 1.84
N LYS A 49 12.68 2.34 2.75
CA LYS A 49 12.56 3.74 3.13
C LYS A 49 13.91 4.42 3.13
N THR A 50 13.90 5.73 3.00
CA THR A 50 15.11 6.53 2.97
C THR A 50 15.51 6.97 4.37
N ALA A 51 16.63 7.67 4.47
CA ALA A 51 17.10 8.17 5.75
C ALA A 51 16.21 9.32 6.22
N ASP A 52 15.26 9.69 5.36
CA ASP A 52 14.34 10.78 5.66
C ASP A 52 12.92 10.25 5.79
N GLY A 53 12.79 8.95 6.03
CA GLY A 53 11.49 8.35 6.17
C GLY A 53 10.71 8.35 4.88
N LYS A 54 11.43 8.53 3.77
CA LYS A 54 10.79 8.53 2.46
C LYS A 54 10.62 7.10 1.97
N VAL A 55 9.37 6.71 1.73
CA VAL A 55 9.08 5.36 1.26
C VAL A 55 9.26 5.30 -0.26
N TYR A 56 10.07 4.35 -0.72
CA TYR A 56 10.33 4.20 -2.14
C TYR A 56 10.44 2.73 -2.53
N TYR A 57 9.88 2.40 -3.68
CA TYR A 57 9.92 1.03 -4.18
C TYR A 57 10.92 0.93 -5.33
N TYR A 58 11.63 -0.19 -5.40
CA TYR A 58 12.62 -0.37 -6.46
C TYR A 58 12.65 -1.82 -6.94
N ASN A 59 12.99 -2.00 -8.22
CA ASN A 59 13.06 -3.33 -8.82
C ASN A 59 14.51 -3.80 -8.92
N PRO A 60 14.92 -4.77 -8.08
CA PRO A 60 16.30 -5.29 -8.08
C PRO A 60 16.62 -6.11 -9.33
N THR A 61 15.60 -6.38 -10.14
CA THR A 61 15.78 -7.15 -11.36
C THR A 61 16.22 -6.27 -12.53
N THR A 62 15.55 -5.14 -12.67
CA THR A 62 15.85 -4.19 -13.74
C THR A 62 16.47 -2.91 -13.20
N ARG A 63 16.63 -2.86 -11.88
CA ARG A 63 17.19 -1.69 -11.20
C ARG A 63 16.25 -0.50 -11.36
N GLU A 64 14.95 -0.80 -11.42
CA GLU A 64 13.94 0.24 -11.56
C GLU A 64 13.79 1.05 -10.28
N THR A 65 12.93 2.07 -10.32
CA THR A 65 12.70 2.91 -9.17
C THR A 65 11.42 3.73 -9.28
N SER A 66 10.47 3.47 -8.38
CA SER A 66 9.21 4.19 -8.37
C SER A 66 8.91 4.67 -6.95
N TRP A 67 8.37 5.88 -6.82
CA TRP A 67 8.06 6.44 -5.51
C TRP A 67 6.73 5.91 -4.97
N THR A 68 6.12 5.00 -5.72
CA THR A 68 4.84 4.42 -5.31
C THR A 68 4.54 3.14 -6.09
N ILE A 69 3.80 2.22 -5.47
CA ILE A 69 3.43 0.97 -6.11
C ILE A 69 2.69 1.22 -7.43
N PRO A 70 3.34 0.89 -8.56
CA PRO A 70 2.73 1.09 -9.89
C PRO A 70 1.37 0.41 -10.04
N ALA A 71 0.71 0.69 -11.15
CA ALA A 71 -0.60 0.10 -11.42
C ALA A 71 -0.46 -1.27 -12.06
N PHE A 72 -1.02 -2.28 -11.41
CA PHE A 72 -0.95 -3.66 -11.92
C PHE A 72 -2.35 -4.19 -12.21
N GLU A 73 -2.74 -4.13 -13.49
CA GLU A 73 -4.05 -4.62 -13.91
C GLU A 73 -3.92 -5.82 -14.83
N LYS A 74 -5.04 -6.50 -15.07
CA LYS A 74 -5.05 -7.67 -15.93
C LYS A 74 -4.49 -7.35 -17.31
N LYS A 75 -3.43 -8.06 -17.70
CA LYS A 75 -2.79 -7.85 -18.99
C LYS A 75 -3.62 -8.48 -20.12
N MET A 1 -11.49 -7.50 -3.18
CA MET A 1 -10.66 -6.34 -2.87
C MET A 1 -11.53 -5.14 -2.50
N SER A 2 -10.89 -3.98 -2.38
CA SER A 2 -11.59 -2.74 -2.03
C SER A 2 -12.32 -2.88 -0.70
N ILE A 3 -11.86 -3.81 0.13
CA ILE A 3 -12.47 -4.04 1.42
C ILE A 3 -12.25 -2.88 2.39
N TRP A 4 -11.27 -2.03 2.10
CA TRP A 4 -10.98 -0.90 2.96
C TRP A 4 -10.93 0.41 2.19
N LYS A 5 -11.01 1.52 2.93
CA LYS A 5 -10.99 2.85 2.34
C LYS A 5 -10.10 3.80 3.13
N GLU A 6 -9.69 4.88 2.48
CA GLU A 6 -8.85 5.89 3.11
C GLU A 6 -9.68 7.11 3.49
N ALA A 7 -9.98 7.24 4.78
CA ALA A 7 -10.76 8.36 5.28
C ALA A 7 -9.94 9.19 6.26
N LYS A 8 -10.40 10.42 6.52
CA LYS A 8 -9.69 11.31 7.43
C LYS A 8 -10.57 11.63 8.64
N ASP A 9 -9.98 11.54 9.83
CA ASP A 9 -10.73 11.83 11.06
C ASP A 9 -11.14 13.29 11.14
N ALA A 10 -11.81 13.65 12.24
CA ALA A 10 -12.28 15.02 12.44
C ALA A 10 -11.10 15.98 12.52
N SER A 11 -9.91 15.44 12.79
CA SER A 11 -8.71 16.24 12.89
C SER A 11 -7.89 16.14 11.61
N GLY A 12 -8.12 15.09 10.86
CA GLY A 12 -7.39 14.88 9.61
C GLY A 12 -6.39 13.74 9.71
N ARG A 13 -6.67 12.80 10.61
CA ARG A 13 -5.80 11.63 10.80
C ARG A 13 -6.20 10.52 9.83
N ILE A 14 -5.21 9.84 9.26
CA ILE A 14 -5.47 8.78 8.29
C ILE A 14 -5.84 7.45 8.96
N TYR A 15 -7.05 6.99 8.65
CA TYR A 15 -7.56 5.74 9.19
C TYR A 15 -8.29 4.94 8.10
N TYR A 16 -8.18 3.63 8.17
CA TYR A 16 -8.82 2.75 7.19
C TYR A 16 -10.19 2.31 7.67
N TYR A 17 -11.20 2.53 6.84
CA TYR A 17 -12.56 2.18 7.18
C TYR A 17 -13.13 1.14 6.22
N ASN A 18 -13.60 0.03 6.79
CA ASN A 18 -14.21 -1.05 6.00
C ASN A 18 -15.65 -0.66 5.67
N THR A 19 -15.98 -0.60 4.38
CA THR A 19 -17.31 -0.20 3.96
C THR A 19 -18.27 -1.38 3.85
N LEU A 20 -17.76 -2.55 3.48
CA LEU A 20 -18.60 -3.73 3.38
C LEU A 20 -19.26 -4.00 4.72
N THR A 21 -18.44 -3.98 5.76
CA THR A 21 -18.89 -4.20 7.12
C THR A 21 -19.18 -2.88 7.82
N LYS A 22 -18.87 -1.77 7.13
CA LYS A 22 -19.10 -0.43 7.67
C LYS A 22 -18.35 -0.23 8.99
N LYS A 23 -17.28 -0.98 9.20
CA LYS A 23 -16.48 -0.87 10.42
C LYS A 23 -15.31 0.09 10.22
N SER A 24 -14.65 0.46 11.31
CA SER A 24 -13.52 1.39 11.23
C SER A 24 -12.26 0.82 11.89
N THR A 25 -11.11 1.33 11.43
CA THR A 25 -9.81 0.91 11.96
C THR A 25 -8.75 1.97 11.68
N TRP A 26 -7.63 1.89 12.38
CA TRP A 26 -6.55 2.86 12.20
C TRP A 26 -5.26 2.14 11.81
N GLU A 27 -5.19 0.85 12.13
CA GLU A 27 -4.00 0.06 11.81
C GLU A 27 -4.24 -0.81 10.58
N LYS A 28 -3.32 -0.76 9.64
CA LYS A 28 -3.41 -1.52 8.41
C LYS A 28 -3.56 -3.01 8.68
N PRO A 29 -4.74 -3.59 8.38
CA PRO A 29 -4.99 -5.02 8.56
C PRO A 29 -4.10 -5.84 7.64
N LYS A 30 -3.55 -6.95 8.13
CA LYS A 30 -2.64 -7.76 7.34
C LYS A 30 -3.13 -8.02 5.91
N GLU A 31 -4.43 -8.25 5.71
CA GLU A 31 -4.93 -8.52 4.35
C GLU A 31 -4.71 -7.31 3.44
N LEU A 32 -4.52 -6.15 4.06
CA LEU A 32 -4.27 -4.91 3.35
C LEU A 32 -2.77 -4.75 3.10
N ILE A 33 -2.00 -5.44 3.93
CA ILE A 33 -0.54 -5.41 3.83
C ILE A 33 0.01 -6.57 3.00
N SER A 34 -0.76 -7.65 2.93
CA SER A 34 -0.34 -8.85 2.21
C SER A 34 -0.68 -8.80 0.73
N GLN A 35 -1.56 -7.92 0.32
CA GLN A 35 -1.94 -7.83 -1.08
C GLN A 35 -0.89 -7.09 -1.89
N GLU A 36 -0.59 -5.86 -1.47
CA GLU A 36 0.40 -5.03 -2.17
C GLU A 36 1.71 -5.78 -2.33
N GLU A 37 2.03 -6.62 -1.35
CA GLU A 37 3.24 -7.41 -1.38
C GLU A 37 3.19 -8.47 -2.48
N LEU A 38 1.98 -8.97 -2.72
CA LEU A 38 1.73 -10.00 -3.71
C LEU A 38 1.74 -9.44 -5.12
N LEU A 39 1.52 -8.15 -5.24
CA LEU A 39 1.54 -7.53 -6.55
C LEU A 39 2.96 -7.13 -6.87
N LEU A 40 3.65 -6.73 -5.82
CA LEU A 40 5.03 -6.34 -5.92
C LEU A 40 5.82 -7.46 -6.59
N ARG A 41 5.73 -8.65 -6.00
CA ARG A 41 6.41 -9.83 -6.49
C ARG A 41 6.15 -10.10 -7.98
N GLU A 42 4.88 -10.13 -8.34
CA GLU A 42 4.46 -10.40 -9.72
C GLU A 42 5.27 -9.62 -10.75
N ASN A 43 5.85 -8.50 -10.34
CA ASN A 43 6.63 -7.68 -11.26
C ASN A 43 8.09 -7.54 -10.80
N GLY A 44 8.34 -7.80 -9.51
CA GLY A 44 9.69 -7.71 -8.99
C GLY A 44 9.99 -6.43 -8.22
N TRP A 45 9.01 -5.91 -7.49
CA TRP A 45 9.21 -4.69 -6.72
C TRP A 45 9.30 -4.99 -5.22
N LYS A 46 9.93 -4.07 -4.49
CA LYS A 46 10.05 -4.21 -3.04
C LYS A 46 9.96 -2.84 -2.39
N ALA A 47 9.81 -2.84 -1.08
CA ALA A 47 9.69 -1.59 -0.33
C ALA A 47 10.84 -1.36 0.64
N ALA A 48 11.42 -0.17 0.56
CA ALA A 48 12.54 0.21 1.43
C ALA A 48 12.43 1.69 1.76
N LYS A 49 13.33 2.19 2.60
CA LYS A 49 13.31 3.60 2.98
C LYS A 49 14.69 4.21 2.83
N THR A 50 14.73 5.53 2.65
CA THR A 50 15.97 6.25 2.49
C THR A 50 16.54 6.67 3.84
N ALA A 51 17.69 7.32 3.81
CA ALA A 51 18.33 7.79 5.04
C ALA A 51 17.56 8.97 5.61
N ASP A 52 16.55 9.42 4.86
CA ASP A 52 15.72 10.54 5.29
C ASP A 52 14.29 10.07 5.56
N GLY A 53 14.13 8.79 5.85
CA GLY A 53 12.81 8.26 6.12
C GLY A 53 11.90 8.32 4.91
N LYS A 54 12.50 8.44 3.73
CA LYS A 54 11.72 8.49 2.50
C LYS A 54 11.34 7.08 2.07
N VAL A 55 10.05 6.81 2.03
CA VAL A 55 9.58 5.49 1.63
C VAL A 55 9.56 5.39 0.11
N TYR A 56 10.19 4.36 -0.42
CA TYR A 56 10.26 4.17 -1.86
C TYR A 56 10.26 2.70 -2.24
N TYR A 57 9.93 2.43 -3.50
CA TYR A 57 9.91 1.08 -4.03
C TYR A 57 10.88 0.98 -5.20
N TYR A 58 11.57 -0.15 -5.31
CA TYR A 58 12.52 -0.33 -6.41
C TYR A 58 12.52 -1.77 -6.91
N ASN A 59 12.83 -1.92 -8.20
CA ASN A 59 12.86 -3.24 -8.83
C ASN A 59 14.31 -3.73 -8.97
N PRO A 60 14.72 -4.71 -8.15
CA PRO A 60 16.09 -5.25 -8.18
C PRO A 60 16.37 -6.05 -9.45
N THR A 61 15.33 -6.32 -10.24
CA THR A 61 15.48 -7.08 -11.47
C THR A 61 15.88 -6.18 -12.65
N THR A 62 15.19 -5.05 -12.78
CA THR A 62 15.46 -4.12 -13.88
C THR A 62 16.14 -2.85 -13.36
N ARG A 63 16.35 -2.80 -12.04
CA ARG A 63 16.97 -1.65 -11.39
C ARG A 63 16.06 -0.43 -11.48
N GLU A 64 14.75 -0.69 -11.45
CA GLU A 64 13.75 0.38 -11.52
C GLU A 64 13.68 1.15 -10.22
N THR A 65 12.84 2.19 -10.20
CA THR A 65 12.66 3.01 -9.01
C THR A 65 11.40 3.87 -9.08
N SER A 66 10.46 3.60 -8.19
CA SER A 66 9.21 4.35 -8.13
C SER A 66 8.93 4.78 -6.68
N TRP A 67 8.42 6.00 -6.51
CA TRP A 67 8.12 6.51 -5.17
C TRP A 67 6.82 5.91 -4.63
N THR A 68 6.17 5.09 -5.45
CA THR A 68 4.91 4.45 -5.06
C THR A 68 4.66 3.19 -5.87
N ILE A 69 3.88 2.27 -5.31
CA ILE A 69 3.55 1.02 -6.00
C ILE A 69 2.83 1.30 -7.31
N PRO A 70 3.48 1.00 -8.46
CA PRO A 70 2.88 1.23 -9.78
C PRO A 70 1.52 0.55 -9.94
N ALA A 71 0.86 0.85 -11.06
CA ALA A 71 -0.45 0.26 -11.34
C ALA A 71 -0.31 -1.15 -11.89
N PHE A 72 -0.86 -2.12 -11.17
CA PHE A 72 -0.80 -3.51 -11.58
C PHE A 72 -2.19 -4.07 -11.87
N GLU A 73 -2.56 -4.09 -13.15
CA GLU A 73 -3.87 -4.60 -13.56
C GLU A 73 -3.73 -5.97 -14.22
N LYS A 74 -4.59 -6.89 -13.83
CA LYS A 74 -4.57 -8.24 -14.38
C LYS A 74 -4.62 -8.21 -15.91
N LYS A 75 -3.57 -8.74 -16.54
CA LYS A 75 -3.49 -8.78 -17.99
C LYS A 75 -4.45 -9.81 -18.56
N MET A 1 -11.35 0.34 -2.72
CA MET A 1 -10.80 -0.88 -3.29
C MET A 1 -11.68 -2.09 -2.98
N SER A 2 -11.75 -2.46 -1.71
CA SER A 2 -12.56 -3.59 -1.28
C SER A 2 -13.03 -3.42 0.15
N ILE A 3 -12.79 -4.43 0.98
CA ILE A 3 -13.19 -4.41 2.37
C ILE A 3 -12.71 -3.17 3.11
N TRP A 4 -11.55 -2.65 2.70
CA TRP A 4 -10.99 -1.47 3.34
C TRP A 4 -11.00 -0.27 2.40
N LYS A 5 -11.03 0.93 3.00
CA LYS A 5 -11.05 2.16 2.24
C LYS A 5 -10.21 3.22 2.94
N GLU A 6 -9.81 4.25 2.20
CA GLU A 6 -8.99 5.32 2.77
C GLU A 6 -9.82 6.58 2.99
N ALA A 7 -9.88 7.01 4.26
CA ALA A 7 -10.63 8.20 4.63
C ALA A 7 -9.78 9.13 5.49
N LYS A 8 -10.23 10.36 5.66
CA LYS A 8 -9.48 11.33 6.46
C LYS A 8 -10.30 11.76 7.68
N ASP A 9 -9.66 11.79 8.84
CA ASP A 9 -10.33 12.19 10.07
C ASP A 9 -10.74 13.66 10.04
N ALA A 10 -11.41 14.11 11.09
CA ALA A 10 -11.85 15.50 11.19
C ALA A 10 -10.66 16.45 11.12
N SER A 11 -9.49 15.94 11.49
CA SER A 11 -8.27 16.75 11.48
C SER A 11 -7.54 16.58 10.14
N GLY A 12 -7.81 15.47 9.46
CA GLY A 12 -7.17 15.21 8.19
C GLY A 12 -6.15 14.08 8.29
N ARG A 13 -6.26 13.27 9.33
CA ARG A 13 -5.36 12.14 9.52
C ARG A 13 -5.85 10.94 8.73
N ILE A 14 -4.92 10.19 8.14
CA ILE A 14 -5.29 9.04 7.32
C ILE A 14 -5.60 7.81 8.17
N TYR A 15 -6.81 7.28 7.97
CA TYR A 15 -7.27 6.10 8.67
C TYR A 15 -8.03 5.18 7.73
N TYR A 16 -7.86 3.88 7.91
CA TYR A 16 -8.53 2.90 7.06
C TYR A 16 -9.84 2.45 7.68
N TYR A 17 -10.90 2.51 6.88
CA TYR A 17 -12.23 2.13 7.35
C TYR A 17 -12.79 0.94 6.58
N ASN A 18 -13.15 -0.11 7.33
CA ASN A 18 -13.73 -1.31 6.76
C ASN A 18 -15.19 -1.04 6.42
N THR A 19 -15.56 -1.26 5.16
CA THR A 19 -16.94 -1.01 4.74
C THR A 19 -17.79 -2.27 4.83
N LEU A 20 -17.15 -3.44 4.78
CA LEU A 20 -17.88 -4.70 4.88
C LEU A 20 -18.61 -4.76 6.20
N THR A 21 -17.88 -4.44 7.27
CA THR A 21 -18.45 -4.45 8.61
C THR A 21 -18.68 -3.02 9.09
N LYS A 22 -18.34 -2.05 8.24
CA LYS A 22 -18.52 -0.64 8.55
C LYS A 22 -17.71 -0.22 9.79
N LYS A 23 -16.59 -0.91 10.02
CA LYS A 23 -15.74 -0.60 11.16
C LYS A 23 -14.64 0.39 10.79
N SER A 24 -13.96 0.94 11.80
CA SER A 24 -12.90 1.90 11.56
C SER A 24 -11.57 1.47 12.18
N THR A 25 -10.47 1.90 11.57
CA THR A 25 -9.14 1.57 12.06
C THR A 25 -8.11 2.60 11.57
N TRP A 26 -6.91 2.56 12.15
CA TRP A 26 -5.85 3.50 11.76
C TRP A 26 -4.61 2.75 11.30
N GLU A 27 -4.51 1.48 11.68
CA GLU A 27 -3.37 0.66 11.30
C GLU A 27 -3.74 -0.29 10.17
N LYS A 28 -2.89 -0.35 9.15
CA LYS A 28 -3.14 -1.20 8.01
C LYS A 28 -3.11 -2.68 8.38
N PRO A 29 -4.27 -3.37 8.24
CA PRO A 29 -4.35 -4.81 8.54
C PRO A 29 -3.40 -5.59 7.64
N LYS A 30 -2.76 -6.63 8.16
CA LYS A 30 -1.80 -7.39 7.39
C LYS A 30 -2.40 -7.89 6.08
N GLU A 31 -3.71 -8.13 6.07
CA GLU A 31 -4.39 -8.58 4.87
C GLU A 31 -4.31 -7.52 3.79
N LEU A 32 -4.12 -6.29 4.23
CA LEU A 32 -3.99 -5.14 3.34
C LEU A 32 -2.55 -5.00 2.90
N ILE A 33 -1.65 -5.04 3.89
CA ILE A 33 -0.21 -4.94 3.65
C ILE A 33 0.30 -6.12 2.83
N SER A 34 -0.44 -7.22 2.87
CA SER A 34 -0.05 -8.44 2.16
C SER A 34 -0.49 -8.45 0.71
N GLN A 35 -1.40 -7.58 0.31
CA GLN A 35 -1.86 -7.54 -1.07
C GLN A 35 -0.85 -6.81 -1.96
N GLU A 36 -0.53 -5.57 -1.60
CA GLU A 36 0.41 -4.76 -2.35
C GLU A 36 1.70 -5.53 -2.58
N GLU A 37 2.12 -6.27 -1.56
CA GLU A 37 3.33 -7.07 -1.61
C GLU A 37 3.20 -8.18 -2.66
N LEU A 38 1.97 -8.64 -2.85
CA LEU A 38 1.66 -9.71 -3.77
C LEU A 38 1.55 -9.19 -5.19
N LEU A 39 1.36 -7.89 -5.34
CA LEU A 39 1.28 -7.30 -6.66
C LEU A 39 2.68 -6.98 -7.11
N LEU A 40 3.46 -6.57 -6.13
CA LEU A 40 4.85 -6.25 -6.35
C LEU A 40 5.51 -7.44 -7.04
N ARG A 41 5.40 -8.60 -6.39
CA ARG A 41 5.97 -9.84 -6.88
C ARG A 41 5.64 -10.10 -8.34
N GLU A 42 4.35 -10.01 -8.68
CA GLU A 42 3.86 -10.25 -10.02
C GLU A 42 4.67 -9.52 -11.10
N ASN A 43 5.28 -8.40 -10.72
CA ASN A 43 6.06 -7.63 -11.67
C ASN A 43 7.55 -7.60 -11.32
N GLY A 44 7.88 -7.91 -10.07
CA GLY A 44 9.28 -7.92 -9.68
C GLY A 44 9.73 -6.65 -8.96
N TRP A 45 8.84 -6.07 -8.15
CA TRP A 45 9.18 -4.86 -7.41
C TRP A 45 9.39 -5.17 -5.94
N LYS A 46 10.03 -4.25 -5.23
CA LYS A 46 10.29 -4.43 -3.80
C LYS A 46 9.94 -3.16 -3.02
N ALA A 47 9.70 -3.32 -1.73
CA ALA A 47 9.36 -2.20 -0.87
C ALA A 47 10.39 -2.01 0.23
N ALA A 48 10.74 -0.76 0.50
CA ALA A 48 11.71 -0.43 1.53
C ALA A 48 11.45 0.97 2.08
N LYS A 49 12.22 1.36 3.08
CA LYS A 49 12.06 2.67 3.69
C LYS A 49 13.42 3.34 3.90
N THR A 50 13.40 4.66 3.99
CA THR A 50 14.61 5.44 4.18
C THR A 50 14.84 5.75 5.65
N ALA A 51 15.95 6.40 5.96
CA ALA A 51 16.25 6.78 7.34
C ALA A 51 15.21 7.76 7.85
N ASP A 52 14.58 8.48 6.92
CA ASP A 52 13.56 9.46 7.26
C ASP A 52 12.17 8.85 7.14
N GLY A 53 12.10 7.52 7.19
CA GLY A 53 10.82 6.83 7.10
C GLY A 53 10.21 6.92 5.71
N LYS A 54 10.94 7.50 4.76
CA LYS A 54 10.43 7.61 3.41
C LYS A 54 10.30 6.23 2.78
N VAL A 55 9.10 5.89 2.36
CA VAL A 55 8.86 4.60 1.74
C VAL A 55 9.14 4.65 0.25
N TYR A 56 10.12 3.88 -0.20
CA TYR A 56 10.49 3.85 -1.60
C TYR A 56 10.52 2.43 -2.15
N TYR A 57 9.96 2.24 -3.34
CA TYR A 57 9.93 0.94 -3.99
C TYR A 57 10.88 0.92 -5.18
N TYR A 58 11.63 -0.16 -5.33
CA TYR A 58 12.57 -0.28 -6.43
C TYR A 58 12.58 -1.69 -7.01
N ASN A 59 12.80 -1.77 -8.33
CA ASN A 59 12.84 -3.05 -9.02
C ASN A 59 14.28 -3.52 -9.20
N PRO A 60 14.69 -4.55 -8.43
CA PRO A 60 16.06 -5.08 -8.49
C PRO A 60 16.38 -5.79 -9.81
N THR A 61 15.38 -5.92 -10.67
CA THR A 61 15.57 -6.58 -11.96
C THR A 61 15.91 -5.57 -13.06
N THR A 62 15.33 -4.38 -12.97
CA THR A 62 15.58 -3.33 -13.96
C THR A 62 16.27 -2.13 -13.32
N ARG A 63 16.59 -2.24 -12.03
CA ARG A 63 17.24 -1.15 -11.32
C ARG A 63 16.41 0.12 -11.47
N GLU A 64 15.12 0.00 -11.18
CA GLU A 64 14.20 1.12 -11.28
C GLU A 64 13.85 1.67 -9.89
N THR A 65 13.51 2.95 -9.85
CA THR A 65 13.16 3.60 -8.59
C THR A 65 11.83 4.35 -8.69
N SER A 66 10.88 3.94 -7.87
CA SER A 66 9.56 4.57 -7.82
C SER A 66 9.18 4.92 -6.39
N TRP A 67 8.52 6.07 -6.22
CA TRP A 67 8.11 6.50 -4.88
C TRP A 67 6.73 5.97 -4.53
N THR A 68 6.14 5.20 -5.45
CA THR A 68 4.81 4.64 -5.22
C THR A 68 4.60 3.38 -6.05
N ILE A 69 3.84 2.44 -5.50
CA ILE A 69 3.53 1.18 -6.17
C ILE A 69 2.88 1.44 -7.54
N PRO A 70 3.63 1.23 -8.64
CA PRO A 70 3.11 1.44 -9.99
C PRO A 70 1.73 0.82 -10.17
N ALA A 71 0.88 1.50 -10.93
CA ALA A 71 -0.48 1.03 -11.17
C ALA A 71 -0.51 -0.36 -11.82
N PHE A 72 -1.12 -1.31 -11.12
CA PHE A 72 -1.23 -2.68 -11.62
C PHE A 72 -2.69 -3.06 -11.82
N GLU A 73 -3.16 -2.94 -13.06
CA GLU A 73 -4.54 -3.28 -13.38
C GLU A 73 -4.75 -4.79 -13.44
N LYS A 74 -5.50 -5.31 -12.47
CA LYS A 74 -5.78 -6.74 -12.41
C LYS A 74 -6.73 -7.17 -13.52
N LYS A 75 -6.18 -7.46 -14.70
CA LYS A 75 -7.00 -7.87 -15.83
C LYS A 75 -7.31 -9.36 -15.75
N MET A 1 -11.14 -6.17 -3.99
CA MET A 1 -12.51 -5.95 -3.56
C MET A 1 -12.66 -4.58 -2.92
N SER A 2 -11.54 -3.89 -2.74
CA SER A 2 -11.54 -2.55 -2.14
C SER A 2 -12.25 -2.58 -0.80
N ILE A 3 -11.90 -3.54 0.05
CA ILE A 3 -12.51 -3.68 1.36
C ILE A 3 -12.20 -2.48 2.26
N TRP A 4 -11.01 -1.92 2.11
CA TRP A 4 -10.59 -0.78 2.92
C TRP A 4 -10.50 0.50 2.11
N LYS A 5 -10.58 1.63 2.80
CA LYS A 5 -10.52 2.94 2.16
C LYS A 5 -9.68 3.91 2.99
N GLU A 6 -9.19 4.95 2.33
CA GLU A 6 -8.38 5.96 3.00
C GLU A 6 -9.24 7.17 3.36
N ALA A 7 -9.44 7.38 4.65
CA ALA A 7 -10.24 8.51 5.13
C ALA A 7 -9.43 9.37 6.09
N LYS A 8 -9.89 10.60 6.32
CA LYS A 8 -9.20 11.51 7.22
C LYS A 8 -10.09 11.85 8.41
N ASP A 9 -9.53 11.79 9.60
CA ASP A 9 -10.29 12.09 10.82
C ASP A 9 -10.68 13.56 10.87
N ALA A 10 -11.43 13.93 11.91
CA ALA A 10 -11.88 15.31 12.08
C ALA A 10 -10.69 16.26 12.14
N SER A 11 -9.54 15.74 12.53
CA SER A 11 -8.32 16.55 12.63
C SER A 11 -7.51 16.44 11.35
N GLY A 12 -7.73 15.37 10.58
CA GLY A 12 -7.01 15.18 9.35
C GLY A 12 -5.98 14.06 9.44
N ARG A 13 -6.18 13.15 10.40
CA ARG A 13 -5.27 12.03 10.60
C ARG A 13 -5.63 10.88 9.64
N ILE A 14 -4.60 10.21 9.12
CA ILE A 14 -4.82 9.11 8.18
C ILE A 14 -5.19 7.82 8.89
N TYR A 15 -6.38 7.32 8.58
CA TYR A 15 -6.88 6.08 9.16
C TYR A 15 -7.61 5.25 8.12
N TYR A 16 -7.48 3.93 8.22
CA TYR A 16 -8.13 3.02 7.28
C TYR A 16 -9.52 2.64 7.77
N TYR A 17 -10.52 2.78 6.90
CA TYR A 17 -11.89 2.46 7.27
C TYR A 17 -12.48 1.40 6.33
N ASN A 18 -13.01 0.34 6.93
CA ASN A 18 -13.62 -0.76 6.18
C ASN A 18 -15.13 -0.55 6.10
N THR A 19 -15.62 -0.10 4.95
CA THR A 19 -17.04 0.14 4.77
C THR A 19 -17.77 -1.14 4.39
N LEU A 20 -17.00 -2.20 4.15
CA LEU A 20 -17.57 -3.49 3.80
C LEU A 20 -18.06 -4.20 5.04
N THR A 21 -17.39 -3.90 6.15
CA THR A 21 -17.72 -4.45 7.45
C THR A 21 -18.15 -3.34 8.39
N LYS A 22 -18.07 -2.10 7.90
CA LYS A 22 -18.44 -0.93 8.68
C LYS A 22 -17.62 -0.86 9.98
N LYS A 23 -16.31 -0.93 9.83
CA LYS A 23 -15.39 -0.86 10.97
C LYS A 23 -14.27 0.13 10.69
N SER A 24 -13.68 0.68 11.74
CA SER A 24 -12.60 1.65 11.59
C SER A 24 -11.31 1.16 12.25
N THR A 25 -10.18 1.57 11.69
CA THR A 25 -8.87 1.17 12.23
C THR A 25 -7.80 2.15 11.79
N TRP A 26 -6.62 2.04 12.40
CA TRP A 26 -5.50 2.92 12.07
C TRP A 26 -4.30 2.12 11.59
N GLU A 27 -4.32 0.82 11.86
CA GLU A 27 -3.23 -0.06 11.46
C GLU A 27 -3.63 -0.89 10.25
N LYS A 28 -2.77 -0.90 9.23
CA LYS A 28 -3.04 -1.64 8.01
C LYS A 28 -3.27 -3.13 8.29
N PRO A 29 -4.41 -3.67 7.84
CA PRO A 29 -4.74 -5.08 8.02
C PRO A 29 -3.91 -5.98 7.10
N LYS A 30 -3.45 -7.11 7.63
CA LYS A 30 -2.60 -8.02 6.85
C LYS A 30 -3.09 -8.28 5.43
N GLU A 31 -4.39 -8.49 5.22
CA GLU A 31 -4.90 -8.76 3.88
C GLU A 31 -4.67 -7.56 2.96
N LEU A 32 -4.56 -6.39 3.59
CA LEU A 32 -4.33 -5.14 2.87
C LEU A 32 -2.83 -4.93 2.66
N ILE A 33 -2.04 -5.66 3.46
CA ILE A 33 -0.58 -5.60 3.38
C ILE A 33 -0.01 -6.72 2.52
N SER A 34 -0.74 -7.83 2.45
CA SER A 34 -0.31 -9.00 1.70
C SER A 34 -0.68 -8.97 0.23
N GLN A 35 -1.58 -8.09 -0.15
CA GLN A 35 -1.99 -8.00 -1.56
C GLN A 35 -0.96 -7.23 -2.37
N GLU A 36 -0.72 -5.99 -1.98
CA GLU A 36 0.22 -5.13 -2.67
C GLU A 36 1.58 -5.79 -2.78
N GLU A 37 1.93 -6.55 -1.76
CA GLU A 37 3.21 -7.27 -1.73
C GLU A 37 3.22 -8.39 -2.75
N LEU A 38 2.04 -8.92 -3.03
CA LEU A 38 1.87 -10.02 -3.95
C LEU A 38 1.85 -9.54 -5.39
N LEU A 39 1.55 -8.27 -5.60
CA LEU A 39 1.55 -7.73 -6.95
C LEU A 39 2.96 -7.30 -7.27
N LEU A 40 3.61 -6.80 -6.24
CA LEU A 40 4.98 -6.38 -6.34
C LEU A 40 5.80 -7.53 -6.91
N ARG A 41 5.72 -8.67 -6.23
CA ARG A 41 6.44 -9.88 -6.61
C ARG A 41 6.30 -10.19 -8.09
N GLU A 42 5.05 -10.37 -8.49
CA GLU A 42 4.68 -10.71 -9.85
C GLU A 42 5.41 -9.85 -10.89
N ASN A 43 5.94 -8.71 -10.47
CA ASN A 43 6.67 -7.83 -11.39
C ASN A 43 8.13 -7.69 -10.97
N GLY A 44 8.44 -8.00 -9.71
CA GLY A 44 9.81 -7.92 -9.24
C GLY A 44 10.12 -6.67 -8.42
N TRP A 45 9.16 -6.20 -7.63
CA TRP A 45 9.39 -5.02 -6.81
C TRP A 45 9.25 -5.33 -5.31
N LYS A 46 9.64 -4.37 -4.50
CA LYS A 46 9.55 -4.50 -3.04
C LYS A 46 9.30 -3.14 -2.40
N ALA A 47 8.98 -3.15 -1.12
CA ALA A 47 8.70 -1.91 -0.41
C ALA A 47 9.72 -1.60 0.68
N ALA A 48 10.18 -0.36 0.71
CA ALA A 48 11.16 0.08 1.70
C ALA A 48 10.93 1.55 2.03
N LYS A 49 11.72 2.08 2.96
CA LYS A 49 11.59 3.49 3.35
C LYS A 49 12.97 4.14 3.39
N THR A 50 12.98 5.46 3.29
CA THR A 50 14.23 6.22 3.30
C THR A 50 14.56 6.68 4.72
N ALA A 51 15.69 7.39 4.85
CA ALA A 51 16.11 7.90 6.15
C ALA A 51 15.22 9.07 6.56
N ASP A 52 14.32 9.44 5.65
CA ASP A 52 13.39 10.54 5.88
C ASP A 52 11.96 10.03 5.95
N GLY A 53 11.82 8.73 6.21
CA GLY A 53 10.50 8.13 6.29
C GLY A 53 9.80 8.12 4.95
N LYS A 54 10.56 8.31 3.88
CA LYS A 54 10.01 8.30 2.54
C LYS A 54 9.78 6.87 2.09
N VAL A 55 8.53 6.52 1.84
CA VAL A 55 8.20 5.17 1.39
C VAL A 55 8.42 5.06 -0.12
N TYR A 56 9.25 4.11 -0.53
CA TYR A 56 9.53 3.93 -1.95
C TYR A 56 9.68 2.46 -2.31
N TYR A 57 9.19 2.11 -3.50
CA TYR A 57 9.28 0.74 -3.99
C TYR A 57 10.33 0.66 -5.10
N TYR A 58 11.07 -0.43 -5.16
CA TYR A 58 12.10 -0.57 -6.19
C TYR A 58 12.21 -2.01 -6.71
N ASN A 59 12.59 -2.13 -7.97
CA ASN A 59 12.75 -3.42 -8.63
C ASN A 59 14.22 -3.82 -8.68
N PRO A 60 14.64 -4.83 -7.87
CA PRO A 60 16.03 -5.28 -7.82
C PRO A 60 16.48 -6.00 -9.09
N THR A 61 15.56 -6.21 -10.02
CA THR A 61 15.89 -6.89 -11.28
C THR A 61 16.31 -5.90 -12.36
N THR A 62 15.69 -4.72 -12.37
CA THR A 62 16.00 -3.70 -13.35
C THR A 62 16.62 -2.46 -12.69
N ARG A 63 16.80 -2.53 -11.38
CA ARG A 63 17.36 -1.41 -10.62
C ARG A 63 16.49 -0.17 -10.81
N GLU A 64 15.18 -0.38 -10.76
CA GLU A 64 14.22 0.70 -10.93
C GLU A 64 13.78 1.25 -9.58
N THR A 65 13.43 2.53 -9.57
CA THR A 65 12.99 3.19 -8.34
C THR A 65 11.70 3.97 -8.55
N SER A 66 10.69 3.67 -7.74
CA SER A 66 9.40 4.34 -7.83
C SER A 66 8.98 4.87 -6.47
N TRP A 67 8.11 5.88 -6.48
CA TRP A 67 7.63 6.48 -5.23
C TRP A 67 6.24 5.97 -4.88
N THR A 68 5.73 5.05 -5.68
CA THR A 68 4.39 4.48 -5.44
C THR A 68 4.20 3.20 -6.24
N ILE A 69 3.40 2.28 -5.69
CA ILE A 69 3.12 1.01 -6.36
C ILE A 69 2.67 1.22 -7.80
N PRO A 70 3.52 0.85 -8.76
CA PRO A 70 3.21 0.98 -10.19
C PRO A 70 1.88 0.31 -10.55
N ALA A 71 1.20 0.86 -11.54
CA ALA A 71 -0.08 0.32 -11.98
C ALA A 71 0.05 -1.13 -12.47
N PHE A 72 -0.53 -2.05 -11.72
CA PHE A 72 -0.47 -3.47 -12.08
C PHE A 72 -1.86 -4.00 -12.42
N GLU A 73 -2.19 -4.03 -13.71
CA GLU A 73 -3.49 -4.51 -14.15
C GLU A 73 -3.32 -5.64 -15.17
N LYS A 74 -4.27 -6.57 -15.16
CA LYS A 74 -4.24 -7.71 -16.07
C LYS A 74 -4.11 -7.25 -17.52
N LYS A 75 -3.13 -7.81 -18.22
CA LYS A 75 -2.89 -7.45 -19.61
C LYS A 75 -3.64 -8.40 -20.55
N MET A 1 -9.70 -6.24 -4.39
CA MET A 1 -9.96 -6.26 -2.95
C MET A 1 -10.04 -4.84 -2.40
N SER A 2 -11.16 -4.17 -2.66
CA SER A 2 -11.37 -2.81 -2.19
C SER A 2 -12.19 -2.82 -0.91
N ILE A 3 -11.71 -3.55 0.09
CA ILE A 3 -12.41 -3.65 1.37
C ILE A 3 -12.08 -2.49 2.30
N TRP A 4 -10.84 -2.01 2.24
CA TRP A 4 -10.42 -0.91 3.12
C TRP A 4 -10.30 0.40 2.36
N LYS A 5 -10.39 1.51 3.10
CA LYS A 5 -10.33 2.83 2.51
C LYS A 5 -9.53 3.81 3.36
N GLU A 6 -9.04 4.86 2.70
CA GLU A 6 -8.27 5.91 3.37
C GLU A 6 -9.17 7.14 3.54
N ALA A 7 -9.46 7.48 4.80
CA ALA A 7 -10.29 8.64 5.10
C ALA A 7 -9.62 9.57 6.10
N LYS A 8 -10.21 10.73 6.31
CA LYS A 8 -9.68 11.72 7.24
C LYS A 8 -10.71 12.04 8.31
N ASP A 9 -10.25 12.18 9.55
CA ASP A 9 -11.15 12.47 10.67
C ASP A 9 -11.63 13.91 10.64
N ALA A 10 -12.37 14.31 11.68
CA ALA A 10 -12.90 15.65 11.79
C ALA A 10 -11.77 16.67 11.91
N SER A 11 -10.63 16.23 12.42
CA SER A 11 -9.47 17.09 12.58
C SER A 11 -8.39 16.71 11.58
N GLY A 12 -8.79 15.92 10.59
CA GLY A 12 -7.87 15.49 9.56
C GLY A 12 -6.98 14.31 9.95
N ARG A 13 -7.49 13.44 10.81
CA ARG A 13 -6.72 12.26 11.23
C ARG A 13 -6.95 11.12 10.26
N ILE A 14 -5.88 10.60 9.69
CA ILE A 14 -5.99 9.51 8.71
C ILE A 14 -6.20 8.16 9.38
N TYR A 15 -7.27 7.50 8.97
CA TYR A 15 -7.64 6.18 9.50
C TYR A 15 -8.14 5.27 8.39
N TYR A 16 -7.84 3.98 8.51
CA TYR A 16 -8.28 2.99 7.52
C TYR A 16 -9.63 2.43 7.93
N TYR A 17 -10.63 2.61 7.07
CA TYR A 17 -11.96 2.15 7.37
C TYR A 17 -12.48 1.17 6.32
N ASN A 18 -13.02 0.06 6.81
CA ASN A 18 -13.59 -0.97 5.96
C ASN A 18 -15.04 -0.59 5.65
N THR A 19 -15.41 -0.52 4.38
CA THR A 19 -16.77 -0.15 4.01
C THR A 19 -17.63 -1.37 3.77
N LEU A 20 -16.99 -2.48 3.42
CA LEU A 20 -17.71 -3.72 3.18
C LEU A 20 -18.43 -4.16 4.45
N THR A 21 -17.69 -4.11 5.55
CA THR A 21 -18.24 -4.48 6.86
C THR A 21 -18.48 -3.24 7.71
N LYS A 22 -18.18 -2.07 7.13
CA LYS A 22 -18.37 -0.79 7.83
C LYS A 22 -17.55 -0.74 9.12
N LYS A 23 -16.38 -1.39 9.12
CA LYS A 23 -15.52 -1.41 10.29
C LYS A 23 -14.55 -0.23 10.28
N SER A 24 -14.05 0.14 11.47
CA SER A 24 -13.12 1.27 11.58
C SER A 24 -11.83 0.88 12.28
N THR A 25 -10.71 1.44 11.80
CA THR A 25 -9.40 1.19 12.38
C THR A 25 -8.41 2.29 12.03
N TRP A 26 -7.28 2.33 12.73
CA TRP A 26 -6.25 3.34 12.49
C TRP A 26 -4.89 2.66 12.27
N GLU A 27 -4.94 1.39 11.91
CA GLU A 27 -3.74 0.60 11.65
C GLU A 27 -3.97 -0.29 10.44
N LYS A 28 -3.06 -0.22 9.47
CA LYS A 28 -3.18 -1.00 8.24
C LYS A 28 -3.30 -2.50 8.51
N PRO A 29 -4.51 -3.04 8.31
CA PRO A 29 -4.79 -4.48 8.49
C PRO A 29 -3.86 -5.33 7.63
N LYS A 30 -3.21 -6.32 8.24
CA LYS A 30 -2.26 -7.17 7.54
C LYS A 30 -2.77 -7.70 6.19
N GLU A 31 -4.07 -8.01 6.06
CA GLU A 31 -4.60 -8.55 4.80
C GLU A 31 -4.57 -7.49 3.69
N LEU A 32 -4.59 -6.23 4.10
CA LEU A 32 -4.53 -5.13 3.15
C LEU A 32 -3.06 -4.76 2.91
N ILE A 33 -2.20 -5.35 3.73
CA ILE A 33 -0.75 -5.17 3.64
C ILE A 33 -0.11 -6.28 2.81
N SER A 34 -0.65 -7.48 2.95
CA SER A 34 -0.14 -8.67 2.27
C SER A 34 -0.48 -8.72 0.79
N GLN A 35 -1.43 -7.92 0.35
CA GLN A 35 -1.82 -7.93 -1.06
C GLN A 35 -0.78 -7.19 -1.92
N GLU A 36 -0.52 -5.93 -1.58
CA GLU A 36 0.42 -5.10 -2.31
C GLU A 36 1.76 -5.83 -2.47
N GLU A 37 2.13 -6.60 -1.45
CA GLU A 37 3.38 -7.35 -1.47
C GLU A 37 3.31 -8.46 -2.52
N LEU A 38 2.11 -8.97 -2.74
CA LEU A 38 1.88 -10.06 -3.66
C LEU A 38 1.86 -9.56 -5.10
N LEU A 39 1.64 -8.26 -5.27
CA LEU A 39 1.63 -7.69 -6.61
C LEU A 39 3.04 -7.32 -6.97
N LEU A 40 3.75 -6.88 -5.96
CA LEU A 40 5.13 -6.50 -6.09
C LEU A 40 5.89 -7.67 -6.71
N ARG A 41 5.80 -8.82 -6.06
CA ARG A 41 6.48 -10.03 -6.49
C ARG A 41 6.25 -10.34 -7.97
N GLU A 42 4.99 -10.48 -8.33
CA GLU A 42 4.58 -10.80 -9.70
C GLU A 42 5.32 -9.97 -10.74
N ASN A 43 5.66 -8.73 -10.40
CA ASN A 43 6.36 -7.85 -11.35
C ASN A 43 7.86 -7.80 -11.07
N GLY A 44 8.27 -8.16 -9.85
CA GLY A 44 9.68 -8.16 -9.52
C GLY A 44 10.13 -6.92 -8.77
N TRP A 45 9.28 -6.39 -7.89
CA TRP A 45 9.64 -5.20 -7.11
C TRP A 45 9.72 -5.54 -5.63
N LYS A 46 10.19 -4.57 -4.85
CA LYS A 46 10.30 -4.71 -3.41
C LYS A 46 10.08 -3.38 -2.72
N ALA A 47 9.91 -3.42 -1.41
CA ALA A 47 9.67 -2.22 -0.64
C ALA A 47 10.76 -1.97 0.40
N ALA A 48 11.19 -0.72 0.50
CA ALA A 48 12.22 -0.32 1.45
C ALA A 48 11.98 1.12 1.90
N LYS A 49 12.77 1.59 2.85
CA LYS A 49 12.61 2.95 3.35
C LYS A 49 13.97 3.65 3.47
N THR A 50 13.94 4.97 3.46
CA THR A 50 15.16 5.77 3.57
C THR A 50 15.44 6.16 5.01
N ALA A 51 16.55 6.85 5.23
CA ALA A 51 16.91 7.31 6.57
C ALA A 51 16.00 8.46 6.97
N ASP A 52 15.12 8.82 6.05
CA ASP A 52 14.15 9.89 6.26
C ASP A 52 12.74 9.33 6.29
N GLY A 53 12.63 8.01 6.45
CA GLY A 53 11.33 7.37 6.48
C GLY A 53 10.66 7.36 5.13
N LYS A 54 11.40 7.73 4.09
CA LYS A 54 10.85 7.75 2.75
C LYS A 54 10.66 6.32 2.25
N VAL A 55 9.43 5.95 1.96
CA VAL A 55 9.13 4.62 1.46
C VAL A 55 9.31 4.58 -0.05
N TYR A 56 10.22 3.74 -0.52
CA TYR A 56 10.48 3.64 -1.95
C TYR A 56 10.46 2.18 -2.43
N TYR A 57 9.87 1.98 -3.61
CA TYR A 57 9.79 0.67 -4.22
C TYR A 57 10.68 0.63 -5.45
N TYR A 58 11.40 -0.46 -5.64
CA TYR A 58 12.29 -0.59 -6.80
C TYR A 58 12.35 -2.02 -7.33
N ASN A 59 12.59 -2.13 -8.63
CA ASN A 59 12.69 -3.43 -9.28
C ASN A 59 14.16 -3.79 -9.51
N PRO A 60 14.70 -4.75 -8.72
CA PRO A 60 16.10 -5.17 -8.82
C PRO A 60 16.43 -5.90 -10.12
N THR A 61 15.42 -6.10 -10.97
CA THR A 61 15.62 -6.79 -12.24
C THR A 61 15.88 -5.80 -13.37
N THR A 62 15.17 -4.68 -13.36
CA THR A 62 15.33 -3.66 -14.39
C THR A 62 15.97 -2.39 -13.81
N ARG A 63 16.25 -2.42 -12.51
CA ARG A 63 16.84 -1.28 -11.83
C ARG A 63 15.94 -0.05 -11.94
N GLU A 64 14.66 -0.26 -11.65
CA GLU A 64 13.68 0.82 -11.70
C GLU A 64 13.39 1.35 -10.31
N THR A 65 13.12 2.66 -10.21
CA THR A 65 12.84 3.27 -8.91
C THR A 65 11.55 4.10 -8.97
N SER A 66 10.63 3.79 -8.06
CA SER A 66 9.36 4.51 -7.98
C SER A 66 9.06 4.91 -6.54
N TRP A 67 8.50 6.10 -6.37
CA TRP A 67 8.17 6.59 -5.03
C TRP A 67 6.79 6.08 -4.59
N THR A 68 6.19 5.23 -5.43
CA THR A 68 4.89 4.66 -5.13
C THR A 68 4.65 3.39 -5.94
N ILE A 69 3.93 2.44 -5.36
CA ILE A 69 3.64 1.17 -6.03
C ILE A 69 2.94 1.42 -7.37
N PRO A 70 3.58 1.05 -8.49
CA PRO A 70 3.02 1.23 -9.83
C PRO A 70 1.67 0.53 -10.00
N ALA A 71 0.90 0.97 -10.98
CA ALA A 71 -0.40 0.38 -11.26
C ALA A 71 -0.26 -1.01 -11.87
N PHE A 72 -0.80 -2.02 -11.19
CA PHE A 72 -0.72 -3.40 -11.67
C PHE A 72 -2.11 -3.94 -11.98
N GLU A 73 -2.51 -3.84 -13.24
CA GLU A 73 -3.82 -4.33 -13.68
C GLU A 73 -3.72 -5.72 -14.28
N LYS A 74 -4.86 -6.29 -14.64
CA LYS A 74 -4.91 -7.61 -15.23
C LYS A 74 -6.20 -7.80 -16.03
N LYS A 75 -6.55 -6.80 -16.83
CA LYS A 75 -7.76 -6.85 -17.65
C LYS A 75 -7.55 -6.13 -18.98
#